data_6J18
#
_entry.id   6J18
#
_cell.length_a   89.161
_cell.length_b   89.161
_cell.length_c   62.637
_cell.angle_alpha   90.000
_cell.angle_beta   90.000
_cell.angle_gamma   120.000
#
_symmetry.space_group_name_H-M   'P 65'
#
loop_
_entity.id
_entity.type
_entity.pdbx_description
1 polymer 'ESX-5 secretion system protein EccC5'
2 non-polymer "ADENOSINE-5'-TRIPHOSPHATE"
3 non-polymer 'MAGNESIUM ION'
4 water water
#
_entity_poly.entity_id   1
_entity_poly.type   'polypeptide(L)'
_entity_poly.pdbx_seq_one_letter_code
;MKYLLPTAAAGLLLLAAQPAMAMDSSGLEVLFQGPGSTSAQAPPVRRLPARFGVEQVRELASRDTRQGVGAGGIAWAISE
LDLAPVYLNFAENSHLMVTGRRECGRTTTLATIMSEIGRLYAPGASSAPPPAPGRPSAQVWLVDPRRQLLTALGSDYVER
FAYNLDGVVAMMGELAAALAGREPPPGLSAEELLSRSWWSGPEIFLIVDDIQQLPPGFDSPLHKAVPFVNRAADVGLHVI
VTRTFGGWSSAGSDPMLRALHQANAPLLVMDADPDEGFIRGKMKGGPLPRGRGLLMAEDTGVFVQVAATEVRRLEHHHHH
H
;
_entity_poly.pdbx_strand_id   A
#
loop_
_chem_comp.id
_chem_comp.type
_chem_comp.name
_chem_comp.formula
ATP non-polymer ADENOSINE-5'-TRIPHOSPHATE 'C10 H16 N5 O13 P3'
MG non-polymer 'MAGNESIUM ION' 'Mg 2'
#
# COMPACT_ATOMS: atom_id res chain seq x y z
N ARG A 47 16.02 11.03 19.02
CA ARG A 47 15.79 10.21 17.83
CA ARG A 47 16.01 9.95 18.03
C ARG A 47 14.72 9.15 18.05
N LEU A 48 14.57 8.27 17.07
CA LEU A 48 13.43 7.36 16.99
C LEU A 48 13.41 6.30 18.09
N PRO A 49 12.23 6.02 18.63
CA PRO A 49 12.02 5.00 19.67
C PRO A 49 11.98 3.58 19.10
N ALA A 50 12.12 2.59 19.97
CA ALA A 50 12.08 1.20 19.55
C ALA A 50 10.65 0.77 19.21
N ARG A 51 9.68 1.48 19.78
CA ARG A 51 8.28 1.26 19.43
C ARG A 51 7.48 2.56 19.50
N PHE A 52 6.64 2.76 18.50
CA PHE A 52 5.71 3.88 18.49
C PHE A 52 4.35 3.36 18.02
N GLY A 53 3.38 3.33 18.93
CA GLY A 53 2.08 2.75 18.64
C GLY A 53 1.24 3.57 17.68
N VAL A 54 0.30 2.92 17.01
CA VAL A 54 -0.60 3.61 16.08
C VAL A 54 -1.49 4.59 16.85
N GLU A 55 -1.75 4.27 18.12
CA GLU A 55 -2.53 5.18 18.97
C GLU A 55 -1.75 6.46 19.23
N GLN A 56 -0.41 6.35 19.23
CA GLN A 56 0.45 7.49 19.46
C GLN A 56 0.54 8.39 18.23
N VAL A 57 0.64 7.78 17.05
CA VAL A 57 0.75 8.56 15.82
C VAL A 57 -0.57 9.25 15.51
N ARG A 58 -1.67 8.69 16.02
CA ARG A 58 -2.99 9.27 15.80
C ARG A 58 -3.18 10.52 16.66
N GLU A 59 -2.55 10.53 17.83
CA GLU A 59 -2.53 11.72 18.66
C GLU A 59 -1.87 12.87 17.92
N LEU A 60 -0.77 12.55 17.25
CA LEU A 60 0.00 13.54 16.50
C LEU A 60 -0.73 13.97 15.23
N ALA A 61 -1.37 13.03 14.55
CA ALA A 61 -2.05 13.30 13.29
C ALA A 61 -3.21 14.27 13.47
N SER A 62 -3.87 14.21 14.62
CA SER A 62 -5.00 15.07 14.90
C SER A 62 -4.56 16.50 15.20
N ARG A 63 -3.25 16.72 15.30
CA ARG A 63 -2.71 18.04 15.63
C ARG A 63 -1.70 18.49 14.58
N ASP A 64 -1.77 17.86 13.40
CA ASP A 64 -0.84 18.12 12.32
C ASP A 64 -1.53 18.80 11.14
N THR A 65 -1.14 20.04 10.87
CA THR A 65 -1.71 20.79 9.75
C THR A 65 -0.64 21.20 8.74
N ARG A 66 0.52 20.54 8.79
CA ARG A 66 1.59 20.79 7.84
C ARG A 66 1.13 20.62 6.41
N GLN A 67 1.77 21.34 5.50
CA GLN A 67 1.43 21.26 4.08
C GLN A 67 2.36 20.29 3.35
N GLY A 68 1.85 19.70 2.27
CA GLY A 68 2.65 18.91 1.36
C GLY A 68 3.24 17.61 1.89
N VAL A 69 2.66 17.07 2.96
CA VAL A 69 3.14 15.81 3.51
C VAL A 69 2.05 14.75 3.56
N GLY A 70 0.86 15.11 3.07
CA GLY A 70 -0.26 14.19 3.05
C GLY A 70 -1.01 14.17 4.36
N ALA A 71 -0.91 15.25 5.13
CA ALA A 71 -1.61 15.37 6.40
C ALA A 71 -3.12 15.21 6.20
N GLY A 72 -3.77 14.59 7.18
CA GLY A 72 -5.20 14.30 7.07
C GLY A 72 -5.41 12.94 6.44
N GLY A 73 -4.32 12.32 5.99
CA GLY A 73 -4.39 11.01 5.36
C GLY A 73 -3.88 9.89 6.25
N ILE A 74 -3.53 8.77 5.63
CA ILE A 74 -3.08 7.58 6.35
C ILE A 74 -1.76 7.83 7.08
N ALA A 75 -1.81 7.84 8.40
CA ALA A 75 -0.62 8.07 9.23
C ALA A 75 -0.04 6.75 9.72
N TRP A 76 1.15 6.40 9.22
CA TRP A 76 1.68 5.05 9.43
C TRP A 76 3.09 5.02 10.00
N ALA A 77 3.69 6.18 10.19
CA ALA A 77 5.06 6.25 10.74
C ALA A 77 5.40 7.64 11.26
N ILE A 78 6.56 7.76 11.92
CA ILE A 78 7.10 9.06 12.28
C ILE A 78 8.52 9.20 11.74
N SER A 79 8.89 10.43 11.41
CA SER A 79 10.19 10.70 10.78
C SER A 79 11.31 10.94 11.78
N GLU A 80 12.50 10.47 11.44
CA GLU A 80 13.70 10.69 12.24
C GLU A 80 14.02 12.17 12.36
N LEU A 81 13.71 12.92 11.30
CA LEU A 81 14.05 14.32 11.21
C LEU A 81 13.41 15.18 12.30
N ASP A 82 12.11 15.01 12.50
CA ASP A 82 11.34 15.89 13.38
C ASP A 82 10.39 15.15 14.33
N LEU A 83 10.40 13.83 14.26
CA LEU A 83 9.52 12.98 15.07
C LEU A 83 8.04 13.25 14.78
N ALA A 84 7.78 13.84 13.61
CA ALA A 84 6.42 14.15 13.18
C ALA A 84 5.86 13.01 12.32
N PRO A 85 4.53 12.93 12.18
CA PRO A 85 3.90 11.85 11.39
C PRO A 85 4.36 11.78 9.94
N VAL A 86 4.41 10.56 9.42
CA VAL A 86 4.65 10.32 8.01
C VAL A 86 3.39 9.72 7.40
N TYR A 87 2.97 10.21 6.25
CA TYR A 87 1.70 9.78 5.67
C TYR A 87 1.87 9.09 4.32
N LEU A 88 0.81 8.43 3.88
CA LEU A 88 0.68 8.05 2.48
C LEU A 88 0.18 9.28 1.73
N ASN A 89 1.11 9.99 1.10
CA ASN A 89 0.78 11.23 0.41
C ASN A 89 0.24 10.97 -0.99
N PHE A 90 -1.07 10.75 -1.07
CA PHE A 90 -1.69 10.35 -2.34
C PHE A 90 -1.67 11.47 -3.38
N ALA A 91 -1.40 12.69 -2.95
CA ALA A 91 -1.25 13.82 -3.87
C ALA A 91 0.04 13.64 -4.68
N GLU A 92 1.05 13.03 -4.03
CA GLU A 92 2.33 12.75 -4.68
C GLU A 92 2.30 11.42 -5.41
N ASN A 93 1.91 10.36 -4.71
CA ASN A 93 1.89 9.03 -5.29
C ASN A 93 0.80 8.16 -4.66
N SER A 94 0.19 7.30 -5.49
CA SER A 94 -0.95 6.49 -5.05
C SER A 94 -0.53 5.19 -4.36
N HIS A 95 0.77 4.88 -4.38
CA HIS A 95 1.22 3.54 -4.02
C HIS A 95 2.29 3.50 -2.94
N LEU A 96 2.65 2.28 -2.53
CA LEU A 96 3.73 2.06 -1.58
C LEU A 96 4.32 0.66 -1.71
N MET A 97 5.65 0.58 -1.72
CA MET A 97 6.35 -0.70 -1.66
C MET A 97 7.14 -0.79 -0.35
N VAL A 98 7.14 -1.96 0.26
CA VAL A 98 7.89 -2.19 1.49
C VAL A 98 8.74 -3.45 1.37
N THR A 99 10.02 -3.34 1.72
CA THR A 99 10.91 -4.50 1.69
C THR A 99 11.84 -4.51 2.89
N GLY A 100 12.35 -5.70 3.22
CA GLY A 100 13.25 -5.87 4.35
C GLY A 100 13.46 -7.34 4.65
N ARG A 101 14.45 -7.64 5.49
CA ARG A 101 14.76 -9.02 5.84
C ARG A 101 13.69 -9.61 6.75
N ARG A 102 13.86 -10.88 7.12
CA ARG A 102 12.84 -11.60 7.88
C ARG A 102 12.47 -10.90 9.19
N GLU A 103 11.17 -10.80 9.43
CA GLU A 103 10.61 -10.23 10.66
C GLU A 103 11.04 -8.78 10.91
N CYS A 104 11.25 -8.04 9.84
CA CYS A 104 11.58 -6.62 9.95
C CYS A 104 10.33 -5.82 10.29
N GLY A 105 9.16 -6.35 9.91
CA GLY A 105 7.90 -5.71 10.23
C GLY A 105 7.03 -5.39 9.03
N ARG A 106 7.18 -6.15 7.96
CA ARG A 106 6.43 -5.92 6.72
C ARG A 106 4.92 -6.08 6.91
N THR A 107 4.51 -7.17 7.56
CA THR A 107 3.09 -7.45 7.75
C THR A 107 2.44 -6.43 8.69
N THR A 108 3.15 -6.07 9.75
CA THR A 108 2.67 -5.08 10.71
C THR A 108 2.42 -3.73 10.04
N THR A 109 3.29 -3.36 9.10
CA THR A 109 3.14 -2.12 8.36
C THR A 109 1.81 -2.09 7.60
N LEU A 110 1.48 -3.21 6.96
CA LEU A 110 0.20 -3.33 6.26
C LEU A 110 -0.97 -3.27 7.23
N ALA A 111 -0.80 -3.90 8.39
CA ALA A 111 -1.86 -3.92 9.40
C ALA A 111 -2.15 -2.51 9.91
N THR A 112 -1.10 -1.71 10.07
CA THR A 112 -1.23 -0.33 10.52
C THR A 112 -1.94 0.51 9.46
N ILE A 113 -1.56 0.30 8.21
CA ILE A 113 -2.17 1.02 7.09
C ILE A 113 -3.65 0.65 6.97
N MET A 114 -3.97 -0.62 7.15
CA MET A 114 -5.35 -1.08 7.09
C MET A 114 -6.19 -0.50 8.23
N SER A 115 -5.61 -0.44 9.42
CA SER A 115 -6.28 0.18 10.56
C SER A 115 -6.61 1.64 10.26
N GLU A 116 -5.66 2.33 9.60
CA GLU A 116 -5.84 3.72 9.22
C GLU A 116 -6.95 3.88 8.18
N ILE A 117 -7.04 2.93 7.26
CA ILE A 117 -8.10 2.93 6.27
C ILE A 117 -9.46 2.87 6.95
N GLY A 118 -9.56 2.03 7.99
CA GLY A 118 -10.78 1.90 8.75
C GLY A 118 -11.16 3.17 9.49
N ARG A 119 -10.15 3.94 9.88
CA ARG A 119 -10.37 5.19 10.61
C ARG A 119 -10.82 6.32 9.68
N LEU A 120 -10.18 6.41 8.53
CA LEU A 120 -10.34 7.58 7.65
C LEU A 120 -11.42 7.43 6.60
N TYR A 121 -11.79 6.19 6.29
CA TYR A 121 -12.76 5.94 5.22
C TYR A 121 -14.01 5.24 5.72
N ALA A 122 -15.14 5.54 5.07
CA ALA A 122 -16.36 4.77 5.27
C ALA A 122 -16.18 3.40 4.60
N PRO A 123 -16.81 2.36 5.17
CA PRO A 123 -16.71 1.02 4.60
C PRO A 123 -17.24 0.95 3.17
N GLY A 124 -16.46 0.40 2.26
CA GLY A 124 -16.78 0.45 0.84
C GLY A 124 -16.97 -0.88 0.13
N ALA A 125 -17.04 -1.97 0.89
CA ALA A 125 -17.36 -3.27 0.29
C ALA A 125 -18.80 -3.25 -0.22
N SER A 126 -19.11 -4.12 -1.17
CA SER A 126 -20.40 -4.10 -1.87
C SER A 126 -21.61 -4.16 -0.93
N SER A 127 -21.49 -4.91 0.15
CA SER A 127 -22.61 -5.10 1.07
C SER A 127 -22.66 -4.03 2.16
N ALA A 128 -21.69 -3.12 2.16
CA ALA A 128 -21.65 -2.05 3.15
C ALA A 128 -22.73 -1.02 2.84
N PRO A 129 -23.19 -0.28 3.88
CA PRO A 129 -24.23 0.74 3.69
C PRO A 129 -23.72 1.98 2.95
N PRO A 130 -24.63 2.84 2.48
CA PRO A 130 -24.18 4.11 1.89
C PRO A 130 -23.42 4.95 2.91
N PRO A 131 -22.34 5.60 2.49
CA PRO A 131 -21.48 6.34 3.42
C PRO A 131 -22.16 7.57 4.00
N ALA A 132 -21.74 7.98 5.19
CA ALA A 132 -22.20 9.23 5.78
C ALA A 132 -21.78 10.39 4.86
N PRO A 133 -22.58 11.46 4.82
CA PRO A 133 -22.32 12.59 3.91
C PRO A 133 -20.92 13.17 4.05
N GLY A 134 -20.23 13.35 2.93
CA GLY A 134 -18.92 13.97 2.91
C GLY A 134 -17.76 13.00 3.06
N ARG A 135 -18.05 11.78 3.46
CA ARG A 135 -17.00 10.79 3.71
C ARG A 135 -16.58 10.05 2.44
N PRO A 136 -15.27 9.87 2.25
CA PRO A 136 -14.76 8.98 1.21
C PRO A 136 -14.96 7.53 1.61
N SER A 137 -14.99 6.62 0.63
CA SER A 137 -15.18 5.21 0.92
C SER A 137 -13.96 4.40 0.46
N ALA A 138 -13.66 3.32 1.17
CA ALA A 138 -12.54 2.46 0.81
C ALA A 138 -12.92 1.01 0.72
N GLN A 139 -12.41 0.36 -0.31
CA GLN A 139 -12.68 -1.05 -0.57
C GLN A 139 -11.35 -1.79 -0.69
N VAL A 140 -11.19 -2.87 0.06
CA VAL A 140 -9.91 -3.56 0.12
C VAL A 140 -9.92 -4.90 -0.62
N TRP A 141 -8.92 -5.09 -1.49
CA TRP A 141 -8.71 -6.36 -2.17
C TRP A 141 -7.40 -6.96 -1.67
N LEU A 142 -7.49 -8.01 -0.86
CA LEU A 142 -6.35 -8.47 -0.08
C LEU A 142 -5.74 -9.78 -0.57
N VAL A 143 -4.46 -9.74 -0.92
CA VAL A 143 -3.70 -10.96 -1.17
C VAL A 143 -2.88 -11.29 0.07
N ASP A 144 -3.28 -12.35 0.77
CA ASP A 144 -2.67 -12.68 2.06
C ASP A 144 -2.51 -14.18 2.25
N PRO A 145 -1.48 -14.77 1.62
CA PRO A 145 -1.22 -16.22 1.63
C PRO A 145 -1.02 -16.81 3.02
N ARG A 146 -0.43 -16.06 3.93
CA ARG A 146 -0.19 -16.57 5.28
C ARG A 146 -1.33 -16.19 6.22
N ARG A 147 -2.32 -15.51 5.66
CA ARG A 147 -3.59 -15.24 6.33
C ARG A 147 -3.40 -14.50 7.66
N GLN A 148 -2.61 -13.44 7.64
CA GLN A 148 -2.33 -12.68 8.84
C GLN A 148 -3.13 -11.39 8.93
N LEU A 149 -3.75 -10.99 7.82
CA LEU A 149 -4.40 -9.69 7.74
C LEU A 149 -5.90 -9.81 7.49
N LEU A 150 -6.44 -11.01 7.64
CA LEU A 150 -7.84 -11.28 7.34
C LEU A 150 -8.82 -10.52 8.23
N THR A 151 -8.35 -10.12 9.41
CA THR A 151 -9.25 -9.52 10.38
C THR A 151 -8.80 -8.12 10.82
N ALA A 152 -7.83 -7.55 10.11
CA ALA A 152 -7.41 -6.18 10.37
C ALA A 152 -8.57 -5.24 10.06
N LEU A 153 -9.37 -5.61 9.07
CA LEU A 153 -10.57 -4.88 8.72
C LEU A 153 -11.73 -5.86 8.54
N GLY A 154 -12.94 -5.41 8.85
CA GLY A 154 -14.11 -6.27 8.72
C GLY A 154 -14.50 -6.50 7.28
N SER A 155 -15.54 -7.31 7.07
CA SER A 155 -16.01 -7.62 5.73
C SER A 155 -16.76 -6.45 5.11
N ASP A 156 -16.91 -5.37 5.86
CA ASP A 156 -17.52 -4.16 5.31
C ASP A 156 -16.49 -3.33 4.54
N TYR A 157 -15.22 -3.69 4.71
CA TYR A 157 -14.13 -3.06 3.96
C TYR A 157 -13.53 -4.01 2.94
N VAL A 158 -13.35 -5.26 3.35
CA VAL A 158 -12.71 -6.26 2.49
C VAL A 158 -13.70 -6.85 1.50
N GLU A 159 -13.60 -6.40 0.26
CA GLU A 159 -14.45 -6.90 -0.82
C GLU A 159 -14.08 -8.34 -1.16
N ARG A 160 -12.80 -8.55 -1.43
CA ARG A 160 -12.28 -9.88 -1.78
CA ARG A 160 -12.29 -9.88 -1.76
C ARG A 160 -10.93 -10.12 -1.12
N PHE A 161 -10.68 -11.35 -0.69
CA PHE A 161 -9.36 -11.73 -0.22
C PHE A 161 -8.99 -13.09 -0.80
N ALA A 162 -7.70 -13.30 -1.01
CA ALA A 162 -7.22 -14.53 -1.64
C ALA A 162 -6.00 -15.07 -0.91
N TYR A 163 -5.97 -16.39 -0.70
CA TYR A 163 -4.90 -17.03 0.04
C TYR A 163 -4.26 -18.15 -0.77
N ASN A 164 -4.96 -18.62 -1.80
CA ASN A 164 -4.41 -19.59 -2.74
C ASN A 164 -4.20 -18.93 -4.10
N LEU A 165 -3.37 -19.55 -4.94
CA LEU A 165 -3.05 -18.99 -6.25
C LEU A 165 -4.28 -18.82 -7.14
N ASP A 166 -5.09 -19.88 -7.22
CA ASP A 166 -6.31 -19.84 -8.02
C ASP A 166 -7.24 -18.72 -7.55
N GLY A 167 -7.25 -18.48 -6.25
CA GLY A 167 -8.04 -17.41 -5.68
C GLY A 167 -7.51 -16.05 -6.09
N VAL A 168 -6.20 -15.92 -6.15
CA VAL A 168 -5.57 -14.66 -6.56
C VAL A 168 -5.86 -14.38 -8.03
N VAL A 169 -5.69 -15.39 -8.87
CA VAL A 169 -5.96 -15.26 -10.30
C VAL A 169 -7.40 -14.81 -10.55
N ALA A 170 -8.34 -15.45 -9.87
CA ALA A 170 -9.76 -15.14 -10.02
C ALA A 170 -10.08 -13.74 -9.51
N MET A 171 -9.51 -13.37 -8.36
CA MET A 171 -9.76 -12.07 -7.75
C MET A 171 -9.23 -10.94 -8.62
N MET A 172 -8.05 -11.14 -9.20
CA MET A 172 -7.42 -10.12 -10.02
C MET A 172 -8.19 -9.90 -11.31
N GLY A 173 -8.89 -10.94 -11.78
CA GLY A 173 -9.74 -10.83 -12.94
C GLY A 173 -10.94 -9.96 -12.66
N GLU A 174 -11.52 -10.12 -11.47
CA GLU A 174 -12.66 -9.32 -11.05
C GLU A 174 -12.25 -7.87 -10.84
N LEU A 175 -11.07 -7.67 -10.25
CA LEU A 175 -10.56 -6.33 -9.98
C LEU A 175 -10.29 -5.58 -11.27
N ALA A 176 -9.67 -6.26 -12.23
CA ALA A 176 -9.35 -5.64 -13.52
C ALA A 176 -10.61 -5.20 -14.26
N ALA A 177 -11.67 -6.00 -14.13
CA ALA A 177 -12.95 -5.67 -14.77
C ALA A 177 -13.55 -4.41 -14.17
N ALA A 178 -13.43 -4.26 -12.85
CA ALA A 178 -13.95 -3.09 -12.16
C ALA A 178 -13.15 -1.85 -12.53
N LEU A 179 -11.84 -2.00 -12.59
CA LEU A 179 -10.96 -0.88 -12.91
C LEU A 179 -11.12 -0.43 -14.37
N ALA A 180 -11.36 -1.39 -15.26
CA ALA A 180 -11.53 -1.09 -16.68
C ALA A 180 -12.78 -0.25 -16.94
N GLY A 181 -13.76 -0.37 -16.04
CA GLY A 181 -14.99 0.38 -16.19
C GLY A 181 -14.88 1.81 -15.70
N ARG A 182 -13.79 2.13 -15.00
CA ARG A 182 -13.65 3.45 -14.41
C ARG A 182 -13.07 4.48 -15.39
N GLU A 183 -13.87 4.78 -16.41
CA GLU A 183 -13.55 5.81 -17.40
C GLU A 183 -14.82 6.05 -18.22
N PRO A 184 -14.91 7.21 -18.89
CA PRO A 184 -16.12 7.47 -19.68
C PRO A 184 -16.25 6.53 -20.87
N PRO A 185 -17.48 6.36 -21.38
CA PRO A 185 -17.68 5.65 -22.65
C PRO A 185 -16.94 6.35 -23.78
N PRO A 186 -16.51 5.61 -24.81
CA PRO A 186 -15.73 6.19 -25.89
C PRO A 186 -16.55 7.08 -26.83
N GLY A 187 -15.92 8.12 -27.36
CA GLY A 187 -16.51 8.93 -28.41
C GLY A 187 -17.67 9.83 -28.00
N LEU A 188 -17.65 10.31 -26.76
CA LEU A 188 -18.69 11.23 -26.31
C LEU A 188 -18.33 12.67 -26.68
N SER A 189 -19.34 13.52 -26.80
CA SER A 189 -19.12 14.93 -27.08
C SER A 189 -18.61 15.62 -25.82
N ALA A 190 -18.12 16.84 -25.98
CA ALA A 190 -17.68 17.63 -24.85
C ALA A 190 -18.85 17.87 -23.90
N GLU A 191 -19.98 18.29 -24.46
CA GLU A 191 -21.21 18.53 -23.69
C GLU A 191 -21.61 17.33 -22.86
N GLU A 192 -21.48 16.13 -23.45
CA GLU A 192 -21.83 14.91 -22.76
C GLU A 192 -20.88 14.63 -21.61
N LEU A 193 -19.58 14.78 -21.87
CA LEU A 193 -18.56 14.54 -20.86
C LEU A 193 -18.68 15.51 -19.68
N LEU A 194 -19.20 16.71 -19.96
CA LEU A 194 -19.36 17.73 -18.94
C LEU A 194 -20.46 17.39 -17.94
N SER A 195 -21.48 16.68 -18.42
CA SER A 195 -22.71 16.45 -17.67
C SER A 195 -22.50 15.83 -16.30
N ARG A 196 -21.50 14.95 -16.18
CA ARG A 196 -21.38 14.13 -14.98
C ARG A 196 -20.02 13.48 -14.82
N SER A 197 -19.83 12.82 -13.69
CA SER A 197 -18.75 11.84 -13.55
C SER A 197 -19.29 10.52 -14.05
N TRP A 198 -18.49 9.79 -14.83
CA TRP A 198 -19.02 8.64 -15.56
C TRP A 198 -18.78 7.31 -14.86
N TRP A 199 -17.97 7.32 -13.80
CA TRP A 199 -17.86 6.16 -12.94
C TRP A 199 -18.00 6.59 -11.49
N SER A 200 -18.58 5.71 -10.69
CA SER A 200 -18.77 5.97 -9.26
C SER A 200 -18.35 4.75 -8.47
N GLY A 201 -17.91 4.98 -7.24
CA GLY A 201 -17.51 3.88 -6.39
C GLY A 201 -16.41 4.25 -5.43
N PRO A 202 -16.10 3.35 -4.49
CA PRO A 202 -15.11 3.63 -3.45
C PRO A 202 -13.68 3.54 -3.96
N GLU A 203 -12.77 4.09 -3.17
CA GLU A 203 -11.34 3.94 -3.40
C GLU A 203 -10.96 2.48 -3.25
N ILE A 204 -10.15 1.97 -4.16
CA ILE A 204 -9.76 0.56 -4.16
C ILE A 204 -8.32 0.39 -3.69
N PHE A 205 -8.14 -0.34 -2.60
CA PHE A 205 -6.81 -0.66 -2.10
C PHE A 205 -6.45 -2.11 -2.39
N LEU A 206 -5.51 -2.31 -3.32
CA LEU A 206 -4.97 -3.63 -3.56
C LEU A 206 -3.78 -3.85 -2.64
N ILE A 207 -3.98 -4.65 -1.60
CA ILE A 207 -2.94 -4.88 -0.60
C ILE A 207 -2.39 -6.30 -0.71
N VAL A 208 -1.09 -6.40 -0.98
CA VAL A 208 -0.45 -7.69 -1.17
C VAL A 208 0.71 -7.90 -0.21
N ASP A 209 0.58 -8.90 0.66
CA ASP A 209 1.66 -9.26 1.56
C ASP A 209 2.42 -10.45 0.98
N ASP A 210 3.75 -10.41 1.09
CA ASP A 210 4.62 -11.50 0.63
C ASP A 210 4.44 -11.79 -0.86
N ILE A 211 4.74 -10.81 -1.69
CA ILE A 211 4.58 -10.95 -3.15
C ILE A 211 5.60 -11.94 -3.72
N GLN A 212 6.64 -12.24 -2.96
CA GLN A 212 7.68 -13.15 -3.44
C GLN A 212 7.16 -14.57 -3.63
N GLN A 213 6.02 -14.87 -3.01
CA GLN A 213 5.44 -16.21 -3.09
C GLN A 213 4.67 -16.40 -4.40
N LEU A 214 4.38 -15.30 -5.08
CA LEU A 214 3.67 -15.37 -6.36
C LEU A 214 4.63 -15.68 -7.49
N PRO A 215 4.12 -16.33 -8.56
CA PRO A 215 4.95 -16.56 -9.75
C PRO A 215 5.31 -15.26 -10.44
N PRO A 216 6.57 -15.12 -10.89
CA PRO A 216 7.03 -13.92 -11.60
C PRO A 216 6.86 -14.04 -13.12
N GLY A 217 7.16 -12.97 -13.83
CA GLY A 217 7.06 -12.96 -15.28
C GLY A 217 5.66 -12.68 -15.77
N PHE A 218 5.33 -13.18 -16.95
CA PHE A 218 4.00 -12.99 -17.51
C PHE A 218 2.98 -13.91 -16.86
N ASP A 219 3.49 -14.90 -16.13
CA ASP A 219 2.65 -15.84 -15.39
C ASP A 219 1.91 -15.07 -14.30
N SER A 220 2.64 -14.14 -13.66
CA SER A 220 2.15 -13.36 -12.53
C SER A 220 0.67 -13.01 -12.61
N PRO A 221 -0.08 -13.39 -11.57
CA PRO A 221 -1.53 -13.19 -11.52
C PRO A 221 -1.90 -11.71 -11.46
N LEU A 222 -0.91 -10.88 -11.10
CA LEU A 222 -1.14 -9.46 -10.92
C LEU A 222 -1.00 -8.67 -12.23
N HIS A 223 -0.79 -9.37 -13.33
CA HIS A 223 -0.50 -8.72 -14.60
C HIS A 223 -1.70 -7.91 -15.13
N LYS A 224 -2.90 -8.26 -14.69
CA LYS A 224 -4.10 -7.57 -15.15
C LYS A 224 -4.31 -6.22 -14.50
N ALA A 225 -3.61 -5.97 -13.39
CA ALA A 225 -3.72 -4.70 -12.68
C ALA A 225 -2.64 -3.71 -13.10
N VAL A 226 -1.59 -4.23 -13.71
CA VAL A 226 -0.45 -3.41 -14.15
C VAL A 226 -0.83 -2.19 -15.02
N PRO A 227 -1.75 -2.36 -16.00
CA PRO A 227 -2.05 -1.19 -16.84
C PRO A 227 -2.69 0.01 -16.09
N PHE A 228 -3.14 -0.20 -14.87
CA PHE A 228 -3.82 0.87 -14.14
C PHE A 228 -2.91 1.61 -13.16
N VAL A 229 -1.70 1.10 -12.99
CA VAL A 229 -0.74 1.66 -12.03
C VAL A 229 -0.39 3.11 -12.35
N ASN A 230 -0.19 3.40 -13.63
CA ASN A 230 0.27 4.71 -14.06
C ASN A 230 -0.81 5.78 -14.01
N ARG A 231 -2.07 5.37 -14.05
CA ARG A 231 -3.18 6.31 -13.94
C ARG A 231 -4.08 5.93 -12.77
N ALA A 232 -3.45 5.52 -11.67
CA ALA A 232 -4.16 5.01 -10.50
C ALA A 232 -5.08 6.05 -9.87
N ALA A 233 -4.63 7.30 -9.83
CA ALA A 233 -5.39 8.37 -9.21
C ALA A 233 -6.71 8.61 -9.95
N ASP A 234 -6.71 8.36 -11.25
CA ASP A 234 -7.89 8.58 -12.08
C ASP A 234 -8.93 7.46 -11.93
N VAL A 235 -8.48 6.30 -11.47
CA VAL A 235 -9.40 5.18 -11.25
C VAL A 235 -9.53 4.86 -9.77
N GLY A 236 -8.95 5.71 -8.92
CA GLY A 236 -9.04 5.55 -7.49
C GLY A 236 -8.41 4.26 -7.00
N LEU A 237 -7.24 3.94 -7.54
CA LEU A 237 -6.55 2.70 -7.17
C LEU A 237 -5.33 2.98 -6.31
N HIS A 238 -5.13 2.14 -5.30
CA HIS A 238 -3.92 2.21 -4.46
C HIS A 238 -3.31 0.83 -4.32
N VAL A 239 -2.08 0.67 -4.79
CA VAL A 239 -1.38 -0.61 -4.68
C VAL A 239 -0.32 -0.56 -3.59
N ILE A 240 -0.49 -1.40 -2.57
CA ILE A 240 0.44 -1.44 -1.44
C ILE A 240 0.97 -2.86 -1.28
N VAL A 241 2.27 -3.04 -1.50
CA VAL A 241 2.87 -4.36 -1.60
C VAL A 241 4.12 -4.51 -0.73
N THR A 242 4.29 -5.69 -0.14
CA THR A 242 5.52 -6.02 0.59
C THR A 242 6.24 -7.20 -0.05
N ARG A 243 7.57 -7.23 0.11
CA ARG A 243 8.37 -8.35 -0.36
C ARG A 243 9.59 -8.53 0.53
N THR A 244 9.96 -9.79 0.77
CA THR A 244 11.20 -10.09 1.48
C THR A 244 12.39 -9.55 0.70
N PHE A 245 13.43 -9.13 1.41
CA PHE A 245 14.55 -8.42 0.80
C PHE A 245 15.48 -9.35 0.02
N GLY A 246 15.50 -10.62 0.39
CA GLY A 246 16.34 -11.60 -0.26
C GLY A 246 16.05 -11.71 -1.76
N GLY A 247 17.04 -11.38 -2.57
CA GLY A 247 16.89 -11.45 -4.02
C GLY A 247 16.10 -10.27 -4.58
N TRP A 248 16.25 -9.12 -3.95
CA TRP A 248 15.47 -7.93 -4.33
C TRP A 248 15.83 -7.38 -5.70
N SER A 249 17.12 -7.24 -5.98
CA SER A 249 17.55 -6.65 -7.25
C SER A 249 17.15 -7.56 -8.41
N SER A 250 16.95 -8.83 -8.11
CA SER A 250 16.52 -9.81 -9.12
C SER A 250 15.01 -9.94 -9.15
N ALA A 251 14.31 -9.04 -8.47
CA ALA A 251 12.85 -9.09 -8.39
C ALA A 251 12.21 -8.10 -9.36
N GLY A 252 13.03 -7.46 -10.19
CA GLY A 252 12.52 -6.59 -11.24
C GLY A 252 11.67 -7.37 -12.22
N SER A 253 11.87 -8.68 -12.26
CA SER A 253 11.17 -9.57 -13.17
C SER A 253 9.67 -9.64 -12.89
N ASP A 254 9.23 -9.06 -11.78
CA ASP A 254 7.81 -8.98 -11.46
C ASP A 254 7.22 -7.74 -12.12
N PRO A 255 6.20 -7.92 -12.97
CA PRO A 255 5.60 -6.83 -13.74
C PRO A 255 4.95 -5.75 -12.86
N MET A 256 4.48 -6.14 -11.68
CA MET A 256 3.87 -5.17 -10.77
C MET A 256 4.93 -4.32 -10.09
N LEU A 257 5.99 -4.96 -9.60
CA LEU A 257 7.08 -4.25 -8.95
C LEU A 257 7.79 -3.30 -9.91
N ARG A 258 7.90 -3.73 -11.17
CA ARG A 258 8.50 -2.90 -12.21
C ARG A 258 7.63 -1.70 -12.52
N ALA A 259 6.33 -1.93 -12.60
CA ALA A 259 5.38 -0.86 -12.88
C ALA A 259 5.35 0.16 -11.74
N LEU A 260 5.49 -0.33 -10.51
CA LEU A 260 5.49 0.54 -9.35
C LEU A 260 6.77 1.39 -9.31
N HIS A 261 7.88 0.80 -9.74
CA HIS A 261 9.15 1.53 -9.81
C HIS A 261 9.10 2.58 -10.92
N GLN A 262 8.47 2.22 -12.02
CA GLN A 262 8.31 3.15 -13.15
C GLN A 262 7.40 4.32 -12.77
N ALA A 263 6.48 4.06 -11.85
CA ALA A 263 5.58 5.12 -11.37
C ALA A 263 6.21 5.88 -10.20
N ASN A 264 7.46 5.56 -9.91
CA ASN A 264 8.22 6.20 -8.83
C ASN A 264 7.51 6.11 -7.48
N ALA A 265 6.92 4.96 -7.19
CA ALA A 265 6.25 4.74 -5.92
C ALA A 265 7.26 4.77 -4.77
N PRO A 266 6.84 5.30 -3.61
CA PRO A 266 7.69 5.29 -2.42
C PRO A 266 8.11 3.88 -2.02
N LEU A 267 9.38 3.72 -1.68
CA LEU A 267 9.90 2.41 -1.29
C LEU A 267 10.51 2.44 0.09
N LEU A 268 9.88 1.76 1.04
CA LEU A 268 10.42 1.66 2.39
C LEU A 268 11.35 0.47 2.49
N VAL A 269 12.65 0.76 2.65
CA VAL A 269 13.63 -0.30 2.84
C VAL A 269 13.92 -0.46 4.32
N MET A 270 13.31 -1.48 4.93
CA MET A 270 13.51 -1.74 6.35
C MET A 270 14.85 -2.43 6.56
N ASP A 271 14.98 -3.19 7.64
CA ASP A 271 16.23 -3.91 7.94
C ASP A 271 16.69 -4.72 6.72
N ALA A 272 17.90 -4.42 6.24
CA ALA A 272 18.38 -4.99 5.00
C ALA A 272 19.90 -5.15 4.93
N ASP A 273 20.37 -5.66 3.81
CA ASP A 273 21.79 -5.99 3.62
C ASP A 273 22.39 -5.13 2.51
N PRO A 274 23.49 -4.42 2.81
CA PRO A 274 24.22 -3.63 1.81
C PRO A 274 24.71 -4.46 0.62
N ASP A 275 24.87 -5.77 0.82
CA ASP A 275 25.43 -6.65 -0.20
C ASP A 275 24.54 -6.81 -1.43
N GLU A 276 23.31 -6.30 -1.34
CA GLU A 276 22.39 -6.33 -2.48
C GLU A 276 22.68 -5.17 -3.43
N GLY A 277 23.63 -4.32 -3.05
CA GLY A 277 24.01 -3.18 -3.87
C GLY A 277 23.10 -1.98 -3.69
N PHE A 278 23.11 -1.09 -4.67
CA PHE A 278 22.28 0.11 -4.64
C PHE A 278 20.83 -0.24 -4.94
N ILE A 279 19.93 0.30 -4.12
CA ILE A 279 18.50 0.08 -4.30
C ILE A 279 17.92 1.16 -5.21
N ARG A 280 17.99 2.41 -4.74
CA ARG A 280 17.57 3.55 -5.54
CA ARG A 280 17.57 3.56 -5.53
C ARG A 280 18.61 4.67 -5.44
N GLY A 281 19.03 5.18 -6.59
CA GLY A 281 20.04 6.22 -6.63
C GLY A 281 21.36 5.75 -6.06
N LYS A 282 21.87 6.46 -5.06
CA LYS A 282 23.12 6.10 -4.41
C LYS A 282 22.88 5.47 -3.04
N MET A 283 21.65 5.02 -2.81
CA MET A 283 21.28 4.48 -1.50
C MET A 283 21.24 2.96 -1.49
N LYS A 284 21.91 2.37 -0.50
CA LYS A 284 21.86 0.94 -0.27
C LYS A 284 21.00 0.62 0.94
N GLY A 285 20.62 -0.65 1.08
CA GLY A 285 19.91 -1.09 2.27
C GLY A 285 20.90 -1.28 3.40
N GLY A 286 20.41 -1.22 4.64
CA GLY A 286 21.27 -1.38 5.80
C GLY A 286 20.52 -1.94 7.00
N PRO A 287 21.27 -2.43 8.00
CA PRO A 287 20.66 -3.01 9.19
C PRO A 287 19.90 -1.97 10.01
N LEU A 288 18.69 -2.33 10.43
CA LEU A 288 17.84 -1.41 11.20
C LEU A 288 17.05 -2.19 12.25
N PRO A 289 16.72 -1.54 13.37
CA PRO A 289 15.84 -2.17 14.35
C PRO A 289 14.46 -2.42 13.74
N ARG A 290 13.71 -3.36 14.32
CA ARG A 290 12.43 -3.75 13.77
C ARG A 290 11.44 -2.59 13.80
N GLY A 291 10.73 -2.41 12.69
CA GLY A 291 9.78 -1.32 12.56
C GLY A 291 10.37 -0.09 11.90
N ARG A 292 11.70 -0.04 11.84
CA ARG A 292 12.38 1.11 11.25
C ARG A 292 12.72 0.84 9.79
N GLY A 293 12.67 1.90 8.98
CA GLY A 293 12.97 1.77 7.57
C GLY A 293 13.46 3.06 6.94
N LEU A 294 14.19 2.92 5.85
CA LEU A 294 14.63 4.06 5.07
C LEU A 294 13.63 4.30 3.94
N LEU A 295 12.84 5.36 4.07
CA LEU A 295 11.80 5.67 3.10
C LEU A 295 12.39 6.37 1.87
N MET A 296 12.53 5.62 0.78
CA MET A 296 13.23 6.12 -0.41
C MET A 296 12.30 6.74 -1.45
N ALA A 297 12.76 7.84 -2.04
CA ALA A 297 12.19 8.35 -3.29
C ALA A 297 13.02 7.79 -4.44
N GLU A 298 13.57 8.66 -5.29
CA GLU A 298 14.46 8.21 -6.34
C GLU A 298 15.94 8.35 -5.93
N ASP A 299 16.33 9.53 -5.48
CA ASP A 299 17.72 9.78 -5.10
C ASP A 299 17.86 10.09 -3.61
N THR A 300 16.75 10.43 -2.96
CA THR A 300 16.80 10.82 -1.56
C THR A 300 15.98 9.89 -0.66
N GLY A 301 16.23 9.96 0.65
CA GLY A 301 15.50 9.13 1.59
C GLY A 301 15.50 9.69 3.00
N VAL A 302 14.57 9.21 3.82
CA VAL A 302 14.48 9.61 5.21
C VAL A 302 14.15 8.38 6.08
N PHE A 303 14.80 8.27 7.23
CA PHE A 303 14.54 7.16 8.14
C PHE A 303 13.26 7.42 8.94
N VAL A 304 12.40 6.40 8.99
CA VAL A 304 11.15 6.50 9.71
C VAL A 304 10.95 5.31 10.64
N GLN A 305 10.13 5.49 11.67
CA GLN A 305 9.73 4.39 12.53
C GLN A 305 8.25 4.10 12.32
N VAL A 306 7.96 2.92 11.77
CA VAL A 306 6.58 2.54 11.46
C VAL A 306 5.75 2.40 12.72
N ALA A 307 4.54 2.96 12.70
CA ALA A 307 3.61 2.83 13.80
C ALA A 307 3.20 1.37 14.01
N ALA A 308 3.40 0.89 15.22
CA ALA A 308 3.04 -0.48 15.58
C ALA A 308 1.57 -0.71 15.87
N THR A 309 1.07 -1.84 15.39
CA THR A 309 -0.22 -2.28 15.80
C THR A 309 -0.33 -3.80 15.97
N GLU A 310 -1.31 -4.23 16.74
CA GLU A 310 -1.41 -5.62 17.05
C GLU A 310 -1.86 -6.46 15.89
N VAL A 311 -1.18 -7.57 15.70
CA VAL A 311 -1.58 -8.57 14.78
C VAL A 311 -1.59 -9.91 15.51
N ARG A 312 -2.77 -10.41 15.75
CA ARG A 312 -2.96 -11.67 16.46
C ARG A 312 -2.33 -12.79 15.70
N ARG A 313 -2.23 -12.58 14.43
CA ARG A 313 -2.13 -13.57 13.43
C ARG A 313 -0.74 -13.95 13.03
N LEU A 314 0.26 -13.34 13.63
CA LEU A 314 1.61 -13.46 13.09
C LEU A 314 2.16 -14.91 13.03
N GLU A 315 2.51 -15.38 11.84
CA GLU A 315 2.98 -16.73 11.64
C GLU A 315 4.27 -16.65 10.84
N HIS A 316 5.40 -16.95 11.47
CA HIS A 316 6.70 -16.87 10.79
C HIS A 316 7.26 -18.19 10.26
N HIS A 317 6.62 -19.30 10.59
CA HIS A 317 7.11 -20.62 10.16
C HIS A 317 8.50 -20.92 10.70
N HIS A 318 8.64 -20.81 11.99
CA HIS A 318 9.91 -20.94 12.67
C HIS A 318 10.38 -22.37 12.76
PG ATP B . 7.86 -12.09 8.15
O1G ATP B . 7.62 -13.28 8.84
O2G ATP B . 6.90 -11.78 7.11
O3G ATP B . 9.19 -12.05 7.72
PB ATP B . 7.35 -9.48 9.03
O1B ATP B . 6.13 -9.47 8.30
O2B ATP B . 8.40 -8.84 8.39
O3B ATP B . 7.76 -10.98 9.27
PA ATP B . 5.94 -8.94 11.41
O1A ATP B . 5.14 -7.81 11.10
O2A ATP B . 5.34 -10.22 11.42
O3A ATP B . 7.16 -8.88 10.46
O5' ATP B . 6.53 -8.66 12.81
C5' ATP B . 7.68 -9.30 13.30
C4' ATP B . 8.10 -8.85 14.69
O4' ATP B . 8.57 -7.54 14.63
C3' ATP B . 6.96 -8.89 15.67
O3' ATP B . 7.46 -9.30 16.92
C2' ATP B . 6.59 -7.46 15.76
O2' ATP B . 6.17 -7.20 17.06
C1' ATP B . 7.85 -6.71 15.46
N9 ATP B . 7.46 -5.46 14.81
C8 ATP B . 6.88 -5.39 13.65
N7 ATP B . 6.60 -4.15 13.31
C5 ATP B . 7.02 -3.39 14.27
C6 ATP B . 7.01 -1.96 14.56
N6 ATP B . 6.52 -1.10 13.71
N1 ATP B . 7.55 -1.56 15.71
C2 ATP B . 8.06 -2.41 16.56
N3 ATP B . 8.09 -3.72 16.39
C4 ATP B . 7.58 -4.26 15.29
MG MG C . 5.10 -10.93 7.29
#